data_6G25
#
_entry.id   6G25
#
_cell.length_a   44.203
_cell.length_b   47.827
_cell.length_c   63.856
_cell.angle_alpha   90.000
_cell.angle_beta   90.000
_cell.angle_gamma   90.000
#
_symmetry.space_group_name_H-M   'P 21 21 21'
#
loop_
_entity.id
_entity.type
_entity.pdbx_description
1 polymer 'Histone-lysine N-methyltransferase NSD3'
2 non-polymer 3,5-dimethyl-4-(4-pyridin-4-yl-1~{H}-pyrazol-3-yl)-1,2-oxazole
3 water water
#
_entity_poly.entity_id   1
_entity_poly.type   'polypeptide(L)'
_entity_poly.pdbx_seq_one_letter_code
;STGVKFQVGDLVWSKVGTYPWWPCMVSSDPQLEVHTKINTRGAREYHVQFFSNQPERAWVHEKRVREYKGHKQYEELLAE
ATKQASNHSEKQKIRKPRPQRERAQWDIGIAHAEKALKMTREERIEQYTFIYIDKQ
;
_entity_poly.pdbx_strand_id   A
#
# COMPACT_ATOMS: atom_id res chain seq x y z
N VAL A 4 -12.63 8.74 8.22
CA VAL A 4 -11.96 7.47 7.92
C VAL A 4 -12.29 7.04 6.48
N LYS A 5 -11.33 7.28 5.57
CA LYS A 5 -11.41 7.09 4.13
C LYS A 5 -11.23 5.64 3.70
N PHE A 6 -10.50 4.86 4.50
CA PHE A 6 -10.19 3.48 4.13
C PHE A 6 -10.52 2.49 5.21
N GLN A 7 -10.84 1.25 4.78
CA GLN A 7 -11.17 0.16 5.69
C GLN A 7 -10.24 -1.01 5.44
N VAL A 8 -10.19 -1.95 6.38
CA VAL A 8 -9.39 -3.16 6.22
C VAL A 8 -9.74 -3.87 4.90
N GLY A 9 -8.72 -4.26 4.15
CA GLY A 9 -8.89 -4.95 2.88
C GLY A 9 -8.89 -4.03 1.69
N ASP A 10 -8.98 -2.72 1.91
CA ASP A 10 -8.93 -1.78 0.77
C ASP A 10 -7.54 -1.79 0.14
N LEU A 11 -7.49 -1.73 -1.18
CA LEU A 11 -6.23 -1.65 -1.92
C LEU A 11 -5.87 -0.18 -2.07
N VAL A 12 -4.61 0.13 -1.76
CA VAL A 12 -4.13 1.50 -1.81
C VAL A 12 -2.72 1.55 -2.36
N TRP A 13 -2.32 2.73 -2.83
CA TRP A 13 -0.92 3.00 -3.12
C TRP A 13 -0.40 3.75 -1.89
N SER A 14 0.80 3.45 -1.44
CA SER A 14 1.43 4.19 -0.34
C SER A 14 2.77 4.73 -0.76
N LYS A 15 3.08 5.97 -0.35
CA LYS A 15 4.38 6.59 -0.65
C LYS A 15 5.11 6.68 0.68
N VAL A 16 6.10 5.80 0.89
CA VAL A 16 6.83 5.68 2.15
C VAL A 16 8.34 5.73 1.93
N GLY A 17 9.01 6.60 2.68
CA GLY A 17 10.46 6.70 2.62
C GLY A 17 10.99 7.05 1.25
N THR A 18 12.07 6.38 0.85
CA THR A 18 12.72 6.62 -0.46
C THR A 18 12.12 5.80 -1.59
N TYR A 19 11.07 5.04 -1.31
CA TYR A 19 10.49 4.18 -2.29
C TYR A 19 9.43 4.84 -3.13
N PRO A 20 9.21 4.33 -4.36
CA PRO A 20 8.14 4.88 -5.19
C PRO A 20 6.76 4.52 -4.64
N TRP A 21 5.70 5.15 -5.17
CA TRP A 21 4.32 4.78 -4.84
C TRP A 21 4.24 3.25 -4.98
N TRP A 22 3.71 2.58 -3.95
CA TRP A 22 3.78 1.14 -3.88
C TRP A 22 2.44 0.52 -3.62
N PRO A 23 2.12 -0.60 -4.28
CA PRO A 23 0.80 -1.25 -4.03
C PRO A 23 0.73 -1.89 -2.66
N CYS A 24 -0.39 -1.61 -1.94
CA CYS A 24 -0.60 -2.07 -0.55
C CYS A 24 -2.02 -2.52 -0.34
N MET A 25 -2.24 -3.13 0.84
CA MET A 25 -3.57 -3.45 1.34
C MET A 25 -3.67 -2.88 2.75
N VAL A 26 -4.76 -2.17 3.06
CA VAL A 26 -5.00 -1.65 4.41
C VAL A 26 -5.28 -2.84 5.35
N SER A 27 -4.69 -2.80 6.55
CA SER A 27 -4.90 -3.90 7.47
C SER A 27 -4.83 -3.38 8.89
N SER A 28 -5.25 -4.21 9.85
N SER A 28 -5.24 -4.21 9.85
CA SER A 28 -5.22 -3.85 11.26
CA SER A 28 -5.15 -3.82 11.24
C SER A 28 -3.82 -4.11 11.85
C SER A 28 -3.75 -4.05 11.77
N ASP A 29 -3.25 -3.12 12.58
CA ASP A 29 -1.94 -3.28 13.20
C ASP A 29 -2.01 -4.48 14.17
N PRO A 30 -1.05 -5.45 14.07
CA PRO A 30 -1.11 -6.66 14.90
C PRO A 30 -1.12 -6.42 16.41
N GLN A 31 -0.57 -5.28 16.87
CA GLN A 31 -0.50 -4.92 18.30
C GLN A 31 -1.60 -3.96 18.72
N LEU A 32 -1.80 -2.85 17.97
CA LEU A 32 -2.83 -1.85 18.30
C LEU A 32 -4.24 -2.32 17.97
N GLU A 33 -4.37 -3.29 17.03
CA GLU A 33 -5.65 -3.87 16.62
C GLU A 33 -6.60 -2.82 16.04
N VAL A 34 -6.01 -1.82 15.35
CA VAL A 34 -6.70 -0.76 14.62
C VAL A 34 -6.00 -0.60 13.27
N HIS A 35 -6.74 -0.15 12.25
CA HIS A 35 -6.16 0.06 10.91
C HIS A 35 -5.94 1.54 10.64
N THR A 36 -6.40 2.41 11.56
CA THR A 36 -6.25 3.84 11.43
C THR A 36 -6.07 4.45 12.81
N LYS A 37 -5.38 5.59 12.88
CA LYS A 37 -5.15 6.26 14.16
C LYS A 37 -4.77 7.69 13.93
N ILE A 38 -4.77 8.48 15.00
CA ILE A 38 -4.25 9.84 14.95
C ILE A 38 -2.83 9.76 15.55
N ASN A 39 -1.82 10.25 14.81
CA ASN A 39 -0.42 10.16 15.26
C ASN A 39 -0.08 11.20 16.31
N THR A 40 1.19 11.21 16.74
CA THR A 40 1.65 12.13 17.78
C THR A 40 1.77 13.59 17.32
N ARG A 41 1.56 13.85 16.00
CA ARG A 41 1.55 15.20 15.47
C ARG A 41 0.09 15.64 15.19
N GLY A 42 -0.85 14.78 15.54
CA GLY A 42 -2.28 15.01 15.38
C GLY A 42 -2.80 14.75 13.97
N ALA A 43 -2.07 13.98 13.16
CA ALA A 43 -2.52 13.69 11.80
C ALA A 43 -3.06 12.26 11.69
N ARG A 44 -4.02 12.00 10.78
CA ARG A 44 -4.50 10.62 10.57
C ARG A 44 -3.53 9.76 9.78
N GLU A 45 -3.36 8.52 10.23
CA GLU A 45 -2.54 7.52 9.52
C GLU A 45 -3.33 6.25 9.30
N TYR A 46 -2.90 5.45 8.31
CA TYR A 46 -3.50 4.16 8.00
C TYR A 46 -2.43 3.13 8.07
N HIS A 47 -2.80 1.92 8.54
CA HIS A 47 -1.85 0.83 8.61
C HIS A 47 -1.96 -0.01 7.35
N VAL A 48 -0.82 -0.24 6.68
CA VAL A 48 -0.84 -0.95 5.42
C VAL A 48 0.17 -2.08 5.41
N GLN A 49 -0.12 -3.07 4.54
CA GLN A 49 0.79 -4.12 4.15
C GLN A 49 1.29 -3.80 2.74
N PHE A 50 2.60 -3.93 2.50
CA PHE A 50 3.12 -3.75 1.14
C PHE A 50 3.04 -5.07 0.42
N PHE A 51 2.56 -5.04 -0.84
CA PHE A 51 2.64 -6.25 -1.67
C PHE A 51 4.07 -6.28 -2.19
N SER A 52 4.74 -7.40 -1.93
CA SER A 52 6.14 -7.57 -2.27
C SER A 52 6.55 -9.01 -2.04
N ASN A 53 7.73 -9.40 -2.55
CA ASN A 53 8.29 -10.70 -2.19
C ASN A 53 8.94 -10.60 -0.81
N GLN A 54 9.08 -9.38 -0.27
CA GLN A 54 9.64 -9.09 1.05
C GLN A 54 8.53 -8.39 1.84
N PRO A 55 7.63 -9.14 2.52
CA PRO A 55 6.50 -8.50 3.21
C PRO A 55 6.90 -7.53 4.32
N GLU A 56 6.23 -6.38 4.34
CA GLU A 56 6.48 -5.33 5.34
C GLU A 56 5.17 -4.63 5.58
N ARG A 57 5.10 -3.90 6.70
CA ARG A 57 3.93 -3.14 7.10
C ARG A 57 4.41 -1.77 7.53
N ALA A 58 3.48 -0.80 7.52
CA ALA A 58 3.80 0.54 7.97
C ALA A 58 2.55 1.32 8.30
N TRP A 59 2.74 2.32 9.17
CA TRP A 59 1.76 3.36 9.46
C TRP A 59 2.10 4.48 8.50
N VAL A 60 1.12 4.91 7.72
CA VAL A 60 1.33 5.91 6.67
C VAL A 60 0.36 7.09 6.80
N HIS A 61 0.91 8.33 6.75
CA HIS A 61 0.09 9.54 6.76
C HIS A 61 -0.95 9.47 5.64
N GLU A 62 -2.18 9.90 5.94
CA GLU A 62 -3.28 9.86 4.97
C GLU A 62 -2.95 10.55 3.63
N LYS A 63 -2.10 11.61 3.66
CA LYS A 63 -1.70 12.34 2.44
C LYS A 63 -0.81 11.50 1.52
N ARG A 64 -0.25 10.40 2.06
CA ARG A 64 0.64 9.50 1.32
C ARG A 64 -0.04 8.18 1.01
N VAL A 65 -1.37 8.13 1.07
CA VAL A 65 -2.20 6.96 0.76
C VAL A 65 -3.19 7.38 -0.31
N ARG A 66 -3.39 6.53 -1.34
CA ARG A 66 -4.34 6.79 -2.43
C ARG A 66 -5.07 5.51 -2.78
N GLU A 67 -6.36 5.59 -3.12
CA GLU A 67 -7.09 4.41 -3.57
C GLU A 67 -6.36 3.75 -4.77
N TYR A 68 -6.21 2.43 -4.75
CA TYR A 68 -5.59 1.71 -5.85
C TYR A 68 -6.69 1.29 -6.80
N LYS A 69 -6.75 1.92 -7.98
CA LYS A 69 -7.77 1.60 -8.98
C LYS A 69 -7.23 0.63 -10.05
N GLY A 70 -5.91 0.59 -10.18
CA GLY A 70 -5.21 -0.22 -11.17
C GLY A 70 -3.79 0.24 -11.38
N HIS A 71 -2.92 -0.65 -11.88
CA HIS A 71 -1.49 -0.34 -12.03
C HIS A 71 -1.19 0.87 -12.91
N LYS A 72 -2.06 1.13 -13.92
CA LYS A 72 -1.85 2.24 -14.84
C LYS A 72 -2.00 3.62 -14.18
N GLN A 73 -2.52 3.64 -12.96
CA GLN A 73 -2.68 4.86 -12.18
C GLN A 73 -1.32 5.43 -11.77
N TYR A 74 -0.24 4.62 -11.85
CA TYR A 74 1.12 5.07 -11.45
C TYR A 74 1.52 6.35 -12.16
N GLU A 75 1.19 6.48 -13.46
CA GLU A 75 1.52 7.68 -14.22
C GLU A 75 0.84 8.94 -13.65
N GLU A 76 -0.40 8.81 -13.17
CA GLU A 76 -1.18 9.88 -12.54
C GLU A 76 -0.56 10.28 -11.21
N LEU A 77 0.06 9.31 -10.50
CA LEU A 77 0.72 9.59 -9.24
C LEU A 77 2.01 10.35 -9.48
N LEU A 78 2.80 9.93 -10.51
CA LEU A 78 4.03 10.61 -10.91
C LEU A 78 3.75 12.05 -11.33
N ALA A 79 2.53 12.33 -11.82
CA ALA A 79 2.11 13.67 -12.24
C ALA A 79 1.90 14.65 -11.09
N GLU A 80 1.37 14.17 -9.93
CA GLU A 80 1.07 14.96 -8.72
C GLU A 80 2.22 15.89 -8.28
N ALA A 81 3.47 15.42 -8.49
CA ALA A 81 4.70 16.14 -8.16
C ALA A 81 4.92 17.30 -9.13
N GLN A 92 11.73 20.68 -20.47
CA GLN A 92 11.80 19.22 -20.56
C GLN A 92 11.14 18.55 -19.38
N LYS A 93 10.51 17.39 -19.62
CA LYS A 93 9.91 16.59 -18.56
C LYS A 93 11.04 15.90 -17.82
N ILE A 94 10.93 15.83 -16.49
CA ILE A 94 11.96 15.19 -15.68
C ILE A 94 11.43 13.92 -15.08
N ARG A 95 12.09 12.81 -15.40
CA ARG A 95 11.71 11.54 -14.85
C ARG A 95 12.87 10.89 -14.15
N LYS A 96 12.60 10.33 -12.98
CA LYS A 96 13.54 9.56 -12.21
C LYS A 96 13.71 8.21 -12.89
N PRO A 97 14.93 7.68 -12.99
CA PRO A 97 15.09 6.34 -13.56
C PRO A 97 14.52 5.30 -12.59
N ARG A 98 14.26 4.12 -13.10
CA ARG A 98 13.69 3.05 -12.29
C ARG A 98 14.77 1.99 -12.02
N PRO A 99 15.38 2.00 -10.79
CA PRO A 99 16.40 0.97 -10.46
C PRO A 99 15.88 -0.45 -10.64
N GLN A 100 16.66 -1.30 -11.34
CA GLN A 100 16.38 -2.68 -11.75
C GLN A 100 15.82 -3.59 -10.64
N ARG A 101 16.51 -3.69 -9.49
CA ARG A 101 16.10 -4.54 -8.36
C ARG A 101 14.77 -4.10 -7.78
N GLU A 102 14.62 -2.78 -7.54
CA GLU A 102 13.42 -2.16 -7.01
C GLU A 102 12.25 -2.36 -7.97
N ARG A 103 12.48 -2.10 -9.29
CA ARG A 103 11.48 -2.27 -10.37
C ARG A 103 10.95 -3.71 -10.39
N ALA A 104 11.86 -4.69 -10.25
CA ALA A 104 11.52 -6.11 -10.21
C ALA A 104 10.61 -6.42 -9.01
N GLN A 105 10.92 -5.89 -7.80
CA GLN A 105 10.11 -6.05 -6.58
C GLN A 105 8.75 -5.37 -6.78
N TRP A 106 8.74 -4.16 -7.39
CA TRP A 106 7.52 -3.40 -7.64
C TRP A 106 6.61 -4.16 -8.61
N ASP A 107 7.18 -4.75 -9.70
CA ASP A 107 6.40 -5.50 -10.65
C ASP A 107 5.73 -6.71 -9.96
N ILE A 108 6.46 -7.36 -9.01
CA ILE A 108 5.94 -8.48 -8.23
C ILE A 108 4.75 -7.99 -7.38
N GLY A 109 4.95 -6.88 -6.70
CA GLY A 109 3.87 -6.33 -5.87
C GLY A 109 2.64 -5.98 -6.70
N ILE A 110 2.87 -5.36 -7.88
CA ILE A 110 1.76 -5.00 -8.77
C ILE A 110 1.02 -6.24 -9.24
N ALA A 111 1.74 -7.33 -9.54
CA ALA A 111 1.05 -8.55 -9.96
C ALA A 111 0.12 -9.06 -8.86
N HIS A 112 0.56 -8.98 -7.60
CA HIS A 112 -0.32 -9.38 -6.51
C HIS A 112 -1.51 -8.42 -6.41
N ALA A 113 -1.26 -7.10 -6.49
CA ALA A 113 -2.36 -6.14 -6.38
C ALA A 113 -3.39 -6.30 -7.48
N GLU A 114 -2.94 -6.62 -8.70
CA GLU A 114 -3.85 -6.85 -9.83
C GLU A 114 -4.71 -8.09 -9.59
N LYS A 115 -4.15 -9.12 -8.94
CA LYS A 115 -4.92 -10.32 -8.59
C LYS A 115 -5.92 -9.94 -7.48
N ALA A 116 -5.45 -9.22 -6.44
CA ALA A 116 -6.30 -8.76 -5.35
C ALA A 116 -7.48 -7.90 -5.85
N LEU A 117 -7.27 -7.08 -6.88
CA LEU A 117 -8.31 -6.22 -7.45
C LEU A 117 -9.48 -7.07 -7.95
N LYS A 118 -9.20 -8.32 -8.37
CA LYS A 118 -10.21 -9.24 -8.89
C LYS A 118 -10.95 -10.04 -7.80
N MET A 119 -10.52 -9.88 -6.55
CA MET A 119 -11.13 -10.56 -5.42
C MET A 119 -12.09 -9.64 -4.70
N THR A 120 -12.96 -10.21 -3.86
N THR A 120 -12.94 -10.20 -3.84
CA THR A 120 -13.82 -9.39 -3.00
CA THR A 120 -13.81 -9.39 -2.99
C THR A 120 -12.96 -8.95 -1.79
C THR A 120 -12.94 -8.93 -1.80
N ARG A 121 -13.44 -7.97 -1.01
CA ARG A 121 -12.73 -7.51 0.19
C ARG A 121 -12.50 -8.67 1.18
N GLU A 122 -13.52 -9.53 1.39
CA GLU A 122 -13.36 -10.69 2.27
C GLU A 122 -12.33 -11.67 1.71
N GLU A 123 -12.31 -11.89 0.37
CA GLU A 123 -11.32 -12.79 -0.21
C GLU A 123 -9.93 -12.24 -0.04
N ARG A 124 -9.76 -10.91 -0.23
CA ARG A 124 -8.45 -10.26 -0.08
C ARG A 124 -7.96 -10.39 1.34
N ILE A 125 -8.86 -10.13 2.33
CA ILE A 125 -8.49 -10.24 3.74
C ILE A 125 -8.02 -11.66 4.03
N GLU A 126 -8.74 -12.64 3.53
CA GLU A 126 -8.39 -14.04 3.74
C GLU A 126 -7.06 -14.39 3.07
N GLN A 127 -6.86 -13.96 1.81
CA GLN A 127 -5.69 -14.37 1.06
C GLN A 127 -4.42 -13.70 1.49
N TYR A 128 -4.51 -12.43 1.94
CA TYR A 128 -3.29 -11.68 2.13
C TYR A 128 -2.96 -11.21 3.52
N THR A 129 -3.91 -11.20 4.48
CA THR A 129 -3.56 -10.68 5.78
C THR A 129 -2.39 -11.41 6.38
N PHE A 130 -1.35 -10.67 6.79
CA PHE A 130 -0.17 -11.32 7.32
C PHE A 130 -0.42 -12.01 8.64
N ILE A 131 0.42 -13.02 8.91
CA ILE A 131 0.51 -13.72 10.17
C ILE A 131 1.75 -13.15 10.81
N TYR A 132 1.63 -12.70 12.04
CA TYR A 132 2.73 -12.10 12.78
C TYR A 132 3.15 -13.02 13.89
N ILE A 133 4.47 -13.28 13.96
CA ILE A 133 5.02 -14.19 14.97
C ILE A 133 6.00 -13.42 15.84
N ASP A 134 5.80 -13.42 17.17
CA ASP A 134 6.67 -12.76 18.15
C ASP A 134 8.05 -13.42 18.19
#